data_4WW1
#
_entry.id   4WW1
#
_cell.length_a   43.110
_cell.length_b   73.120
_cell.length_c   65.600
_cell.angle_alpha   90.00
_cell.angle_beta   94.49
_cell.angle_gamma   90.00
#
_symmetry.space_group_name_H-M   'P 1 21 1'
#
loop_
_entity.id
_entity.type
_entity.pdbx_description
1 polymer 'TCR Alpha Chain-TRAV21-TRAJ8'
2 polymer 'TCR Beta Chain-TRBV7-8'
3 water water
#
loop_
_entity_poly.entity_id
_entity_poly.type
_entity_poly.pdbx_seq_one_letter_code
_entity_poly.pdbx_strand_id
1 'polypeptide(L)'
;MKQEVTQIPAALSVPEGENLVLNCSFTDSAIYNLQWFRQDPGKGLTSLLLIQSSQREQTSGRLNASLDKSSGRSTLYIAA
SQPGDSATYLCAGVNTGFQKLVFGTGTRLLVSPNIQNPDPAVYQLRDSKSSDKSVCLFTDFDSQTNVSQSKDSDVYITDK
CVLDMRSMDFKSNSAVAWSNKSDFACANAFNNSIIPEDTFFPSPESS
;
A
2 'polypeptide(L)'
;MGAGVSQSPRYKVAKRGQDVALRCDPISGHVSLFWYQQALGQGPEFLTYFQNEAQLDKSGLPSDRFFAERPEGSVSTLKI
QRTQQEDSAVYLCASSSRDLEQYFGPGTRLTVTEDLKNVFPPEVAVFEPSEAEISHTQKATLVCLATGFYPDHVELSWWV
NGKEVHSGVCTDPQPLKEQPALNDSRYALSSRLRVSATFWQNPRNHFRCQVQFYGLSENDEWTQDRAKPVTQIVSAEAWG
RAD
;
B
#
# COMPACT_ATOMS: atom_id res chain seq x y z
N GLN A 3 21.15 19.57 1.59
CA GLN A 3 20.59 18.81 2.70
C GLN A 3 20.44 17.31 2.32
N GLU A 4 20.80 16.45 3.25
CA GLU A 4 20.65 15.01 3.11
C GLU A 4 20.00 14.51 4.38
N VAL A 5 18.85 13.86 4.27
CA VAL A 5 18.17 13.35 5.47
C VAL A 5 18.36 11.83 5.49
N THR A 6 19.06 11.30 6.53
CA THR A 6 19.38 9.87 6.71
C THR A 6 18.42 9.22 7.69
N GLN A 7 17.59 8.27 7.22
CA GLN A 7 16.68 7.53 8.08
C GLN A 7 17.20 6.14 8.32
N ILE A 8 17.29 5.74 9.60
CA ILE A 8 17.72 4.38 9.93
C ILE A 8 16.80 3.82 11.02
N PRO A 9 16.45 2.53 10.95
CA PRO A 9 16.78 1.55 9.89
C PRO A 9 15.89 1.68 8.64
N ALA A 10 16.30 1.06 7.51
CA ALA A 10 15.48 1.11 6.29
C ALA A 10 14.26 0.18 6.46
N ALA A 11 14.46 -0.92 7.20
CA ALA A 11 13.41 -1.88 7.49
C ALA A 11 13.55 -2.34 8.92
N LEU A 12 12.43 -2.45 9.61
CA LEU A 12 12.45 -2.88 10.98
C LEU A 12 11.30 -3.82 11.24
N SER A 13 11.65 -4.96 11.88
CA SER A 13 10.71 -5.96 12.32
CA SER A 13 10.71 -5.97 12.32
C SER A 13 10.77 -6.02 13.84
N VAL A 14 9.59 -5.86 14.51
CA VAL A 14 9.55 -5.84 15.95
CA VAL A 14 9.48 -5.77 15.96
C VAL A 14 8.35 -6.66 16.46
N PRO A 15 8.54 -7.48 17.50
CA PRO A 15 7.39 -8.22 18.07
C PRO A 15 6.43 -7.23 18.73
N GLU A 16 5.11 -7.39 18.54
CA GLU A 16 4.15 -6.50 19.19
C GLU A 16 4.33 -6.46 20.69
N GLY A 17 4.13 -5.28 21.24
CA GLY A 17 4.32 -5.01 22.65
C GLY A 17 5.61 -4.27 22.94
N GLU A 18 6.67 -4.46 22.11
CA GLU A 18 7.92 -3.74 22.37
C GLU A 18 7.84 -2.31 21.98
N ASN A 19 8.63 -1.47 22.66
CA ASN A 19 8.82 -0.09 22.23
C ASN A 19 9.80 -0.12 21.09
N LEU A 20 9.69 0.82 20.16
CA LEU A 20 10.65 0.86 19.05
C LEU A 20 11.13 2.30 18.83
N VAL A 21 12.27 2.41 18.15
CA VAL A 21 12.96 3.66 17.88
C VAL A 21 13.22 3.76 16.38
N LEU A 22 12.87 4.91 15.79
CA LEU A 22 13.13 5.28 14.40
CA LEU A 22 13.15 5.26 14.40
C LEU A 22 14.02 6.50 14.40
N ASN A 23 15.14 6.49 13.66
CA ASN A 23 16.01 7.67 13.70
C ASN A 23 16.07 8.39 12.40
N CYS A 24 16.32 9.68 12.50
CA CYS A 24 16.38 10.55 11.36
C CYS A 24 17.49 11.56 11.60
N SER A 25 18.53 11.56 10.75
CA SER A 25 19.61 12.51 10.93
C SER A 25 19.71 13.40 9.71
N PHE A 26 20.14 14.63 9.91
CA PHE A 26 20.23 15.56 8.81
C PHE A 26 21.59 16.20 8.87
N THR A 27 22.22 16.37 7.68
CA THR A 27 23.55 16.95 7.54
C THR A 27 23.50 18.45 7.83
N ASP A 28 22.43 19.13 7.39
CA ASP A 28 22.26 20.56 7.63
C ASP A 28 21.35 20.73 8.84
N SER A 29 21.92 21.16 9.98
CA SER A 29 21.22 21.30 11.26
C SER A 29 20.35 22.57 11.36
N ALA A 30 20.39 23.45 10.34
CA ALA A 30 19.58 24.69 10.29
C ALA A 30 18.15 24.36 9.85
N ILE A 31 17.43 23.61 10.70
CA ILE A 31 16.07 23.17 10.48
C ILE A 31 15.07 24.17 11.07
N TYR A 32 14.06 24.52 10.27
CA TYR A 32 12.94 25.40 10.63
C TYR A 32 11.81 24.56 11.25
N ASN A 33 11.46 23.44 10.60
CA ASN A 33 10.41 22.52 11.06
C ASN A 33 10.73 21.08 10.70
N LEU A 34 10.41 20.14 11.60
CA LEU A 34 10.59 18.71 11.33
C LEU A 34 9.25 18.01 11.40
N GLN A 35 8.91 17.26 10.33
CA GLN A 35 7.65 16.55 10.26
C GLN A 35 7.86 15.07 10.11
N TRP A 36 7.06 14.27 10.85
CA TRP A 36 7.03 12.81 10.72
C TRP A 36 5.71 12.45 10.10
N PHE A 37 5.75 11.52 9.15
CA PHE A 37 4.56 11.04 8.47
C PHE A 37 4.47 9.55 8.48
N ARG A 38 3.25 9.06 8.30
CA ARG A 38 2.91 7.66 8.09
C ARG A 38 2.35 7.51 6.66
N GLN A 39 2.76 6.46 5.94
CA GLN A 39 2.30 6.11 4.59
C GLN A 39 1.88 4.61 4.53
N ASP A 40 0.60 4.35 4.25
CA ASP A 40 0.06 3.00 4.18
C ASP A 40 -0.19 2.57 2.73
N GLY A 44 -1.62 8.45 0.11
CA GLY A 44 -1.03 9.74 0.47
C GLY A 44 -0.20 9.69 1.75
N LEU A 45 0.07 10.87 2.34
CA LEU A 45 0.85 10.99 3.58
C LEU A 45 0.02 11.46 4.75
N THR A 46 0.01 10.68 5.84
CA THR A 46 -0.69 11.03 7.07
C THR A 46 0.31 11.77 7.98
N SER A 47 0.04 13.04 8.34
CA SER A 47 0.93 13.81 9.20
CA SER A 47 0.94 13.79 9.21
C SER A 47 0.80 13.30 10.64
N LEU A 48 1.92 12.90 11.24
CA LEU A 48 1.90 12.37 12.60
C LEU A 48 2.23 13.43 13.61
N LEU A 49 3.35 14.11 13.41
CA LEU A 49 3.90 15.12 14.31
C LEU A 49 4.61 16.20 13.53
N LEU A 50 4.60 17.43 14.07
CA LEU A 50 5.30 18.58 13.52
C LEU A 50 6.08 19.23 14.66
N ILE A 51 7.44 19.28 14.55
CA ILE A 51 8.30 19.90 15.57
CA ILE A 51 8.30 19.90 15.57
C ILE A 51 8.84 21.23 15.04
N GLN A 52 8.67 22.32 15.81
CA GLN A 52 9.14 23.67 15.48
C GLN A 52 10.65 23.79 15.77
N SER A 53 11.32 24.83 15.20
CA SER A 53 12.76 25.11 15.35
CA SER A 53 12.77 25.08 15.36
C SER A 53 13.18 25.22 16.82
N SER A 54 12.29 25.77 17.67
CA SER A 54 12.52 25.97 19.10
C SER A 54 12.17 24.75 19.94
N GLN A 55 11.12 24.00 19.52
CA GLN A 55 10.63 22.81 20.19
C GLN A 55 11.64 21.66 20.12
N ARG A 56 11.76 20.90 21.21
CA ARG A 56 12.70 19.79 21.28
C ARG A 56 11.94 18.45 21.21
N GLU A 57 10.59 18.47 21.22
CA GLU A 57 9.75 17.26 21.17
C GLU A 57 8.29 17.55 20.87
N GLN A 58 7.56 16.51 20.38
CA GLN A 58 6.13 16.51 20.11
C GLN A 58 5.58 15.10 20.34
N THR A 59 4.34 14.99 20.82
CA THR A 59 3.68 13.73 21.15
C THR A 59 2.24 13.71 20.62
N SER A 60 1.80 12.52 20.19
CA SER A 60 0.44 12.21 19.75
C SER A 60 0.19 10.72 20.03
N GLY A 61 -0.52 10.44 21.12
CA GLY A 61 -0.79 9.08 21.57
C GLY A 61 0.47 8.34 21.99
N ARG A 62 0.69 7.13 21.43
CA ARG A 62 1.87 6.29 21.70
C ARG A 62 3.08 6.75 20.89
N LEU A 63 2.94 7.84 20.09
CA LEU A 63 4.03 8.40 19.29
C LEU A 63 4.62 9.60 19.95
N ASN A 64 5.95 9.64 20.05
CA ASN A 64 6.68 10.75 20.63
C ASN A 64 7.92 10.99 19.79
N ALA A 65 8.12 12.23 19.29
CA ALA A 65 9.29 12.55 18.50
C ALA A 65 10.10 13.63 19.18
N SER A 66 11.41 13.48 19.13
CA SER A 66 12.37 14.43 19.71
CA SER A 66 12.35 14.44 19.71
C SER A 66 13.18 15.06 18.59
N LEU A 67 13.76 16.23 18.85
CA LEU A 67 14.61 16.93 17.90
C LEU A 67 15.82 17.39 18.70
N ASP A 68 17.00 16.83 18.37
CA ASP A 68 18.26 17.18 19.05
C ASP A 68 19.01 18.16 18.15
N LYS A 69 19.01 19.44 18.54
CA LYS A 69 19.62 20.55 17.81
C LYS A 69 21.14 20.45 17.70
N SER A 70 21.81 19.79 18.67
CA SER A 70 23.26 19.66 18.71
C SER A 70 23.79 18.50 17.84
N SER A 71 23.13 17.32 17.87
CA SER A 71 23.59 16.14 17.13
C SER A 71 22.94 16.00 15.74
N GLY A 72 22.07 16.95 15.38
CA GLY A 72 21.36 16.96 14.10
C GLY A 72 20.52 15.70 13.93
N ARG A 73 19.70 15.39 14.93
CA ARG A 73 18.91 14.17 14.90
C ARG A 73 17.48 14.37 15.39
N SER A 74 16.56 13.55 14.87
CA SER A 74 15.18 13.44 15.33
C SER A 74 14.90 11.98 15.51
N THR A 75 14.31 11.62 16.65
CA THR A 75 13.99 10.24 16.96
C THR A 75 12.49 10.11 17.16
N LEU A 76 11.88 9.12 16.51
CA LEU A 76 10.46 8.82 16.70
C LEU A 76 10.37 7.58 17.57
N TYR A 77 9.73 7.71 18.72
CA TYR A 77 9.52 6.60 19.66
C TYR A 77 8.09 6.12 19.57
N ILE A 78 7.90 4.83 19.34
CA ILE A 78 6.57 4.23 19.29
C ILE A 78 6.48 3.29 20.49
N ALA A 79 5.62 3.63 21.46
CA ALA A 79 5.47 2.80 22.65
C ALA A 79 4.49 1.65 22.41
N ALA A 80 4.74 0.49 23.09
CA ALA A 80 3.85 -0.67 23.12
C ALA A 80 3.27 -0.92 21.74
N SER A 81 4.17 -1.20 20.80
CA SER A 81 3.84 -1.36 19.39
C SER A 81 2.74 -2.39 19.13
N GLN A 82 1.88 -2.09 18.16
CA GLN A 82 0.75 -2.94 17.73
C GLN A 82 0.90 -3.33 16.27
N PRO A 83 0.37 -4.50 15.82
CA PRO A 83 0.47 -4.84 14.40
C PRO A 83 -0.10 -3.76 13.47
N GLY A 84 -1.12 -3.03 13.92
CA GLY A 84 -1.71 -1.92 13.15
C GLY A 84 -0.75 -0.75 12.94
N ASP A 85 0.38 -0.70 13.69
CA ASP A 85 1.39 0.36 13.48
C ASP A 85 2.24 0.08 12.24
N SER A 86 2.12 -1.12 11.66
CA SER A 86 2.90 -1.50 10.48
C SER A 86 2.59 -0.57 9.31
N ALA A 87 3.64 0.11 8.78
CA ALA A 87 3.52 1.11 7.72
C ALA A 87 4.91 1.61 7.40
N THR A 88 4.99 2.54 6.42
CA THR A 88 6.23 3.24 6.15
C THR A 88 6.17 4.56 6.91
N TYR A 89 7.25 4.88 7.64
CA TYR A 89 7.38 6.11 8.41
C TYR A 89 8.42 6.99 7.74
N LEU A 90 8.04 8.25 7.46
CA LEU A 90 8.93 9.18 6.78
C LEU A 90 9.22 10.38 7.64
N CYS A 91 10.46 10.82 7.62
CA CYS A 91 10.93 11.99 8.32
CA CYS A 91 10.82 12.04 8.32
C CYS A 91 11.22 13.07 7.27
N ALA A 92 10.93 14.32 7.56
CA ALA A 92 11.25 15.41 6.63
C ALA A 92 11.55 16.68 7.39
N GLY A 93 12.39 17.52 6.83
CA GLY A 93 12.74 18.79 7.45
C GLY A 93 12.67 19.93 6.47
N VAL A 94 12.37 21.13 6.99
CA VAL A 94 12.38 22.37 6.22
C VAL A 94 13.59 23.13 6.73
N ASN A 95 14.46 23.63 5.83
CA ASN A 95 15.63 24.41 6.23
C ASN A 95 15.25 25.86 6.37
N THR A 96 15.88 26.56 7.34
CA THR A 96 15.67 27.98 7.59
C THR A 96 16.01 28.75 6.32
N GLY A 97 15.07 29.58 5.86
CA GLY A 97 15.21 30.34 4.62
C GLY A 97 14.64 29.67 3.39
N PHE A 98 13.98 28.49 3.57
CA PHE A 98 13.36 27.73 2.48
C PHE A 98 11.95 27.28 2.88
N GLN A 99 11.20 26.68 1.94
CA GLN A 99 9.82 26.25 2.21
C GLN A 99 9.64 24.74 1.99
N LYS A 100 10.36 24.18 1.02
CA LYS A 100 10.27 22.77 0.66
C LYS A 100 10.67 21.83 1.80
N LEU A 101 10.04 20.66 1.85
CA LEU A 101 10.43 19.59 2.75
C LEU A 101 11.47 18.73 2.06
N VAL A 102 12.48 18.24 2.81
CA VAL A 102 13.48 17.29 2.33
C VAL A 102 13.28 16.02 3.12
N PHE A 103 12.94 14.93 2.44
CA PHE A 103 12.59 13.66 3.07
C PHE A 103 13.71 12.65 3.12
N GLY A 104 13.64 11.79 4.13
CA GLY A 104 14.46 10.60 4.27
C GLY A 104 13.85 9.56 3.34
N THR A 105 14.48 8.39 3.20
CA THR A 105 13.94 7.38 2.29
C THR A 105 12.85 6.54 2.95
N GLY A 106 12.68 6.70 4.26
CA GLY A 106 11.63 5.99 4.99
C GLY A 106 12.09 4.75 5.73
N THR A 107 11.32 4.38 6.75
CA THR A 107 11.50 3.13 7.46
C THR A 107 10.25 2.31 7.22
N ARG A 108 10.41 1.08 6.68
CA ARG A 108 9.31 0.14 6.50
C ARG A 108 9.20 -0.68 7.78
N LEU A 109 8.17 -0.39 8.58
CA LEU A 109 8.01 -1.06 9.87
C LEU A 109 6.99 -2.18 9.79
N LEU A 110 7.38 -3.35 10.32
CA LEU A 110 6.47 -4.47 10.49
C LEU A 110 6.43 -4.82 11.93
N VAL A 111 5.26 -4.70 12.57
CA VAL A 111 5.10 -5.10 13.97
C VAL A 111 4.40 -6.47 13.89
N SER A 112 5.10 -7.54 14.32
CA SER A 112 4.61 -8.90 14.21
CA SER A 112 4.59 -8.90 14.20
C SER A 112 3.66 -9.25 15.35
N PRO A 113 2.51 -9.92 15.05
CA PRO A 113 1.60 -10.27 16.15
C PRO A 113 2.16 -11.36 17.06
N ASN A 114 1.78 -11.31 18.33
CA ASN A 114 2.14 -12.31 19.30
C ASN A 114 1.14 -13.47 19.15
N ILE A 115 1.55 -14.54 18.48
CA ILE A 115 0.65 -15.68 18.24
C ILE A 115 0.65 -16.50 19.52
N GLN A 116 -0.42 -16.33 20.31
CA GLN A 116 -0.54 -16.96 21.62
C GLN A 116 -0.71 -18.48 21.54
N ASN A 117 -1.29 -19.01 20.44
CA ASN A 117 -1.45 -20.45 20.26
C ASN A 117 -1.12 -20.86 18.82
N PRO A 118 0.17 -21.02 18.48
CA PRO A 118 0.51 -21.43 17.11
C PRO A 118 -0.06 -22.81 16.75
N ASP A 119 -0.72 -22.94 15.59
CA ASP A 119 -1.32 -24.19 15.07
C ASP A 119 -1.06 -24.24 13.56
N PRO A 120 0.23 -24.29 13.16
CA PRO A 120 0.55 -24.23 11.72
C PRO A 120 -0.11 -25.31 10.92
N ALA A 121 -0.66 -24.92 9.76
CA ALA A 121 -1.34 -25.87 8.89
C ALA A 121 -1.36 -25.36 7.46
N VAL A 122 -1.47 -26.29 6.49
CA VAL A 122 -1.60 -25.97 5.08
C VAL A 122 -2.91 -26.59 4.62
N TYR A 123 -3.89 -25.72 4.32
CA TYR A 123 -5.20 -26.15 3.86
C TYR A 123 -5.38 -25.98 2.37
N GLN A 124 -6.18 -26.84 1.75
CA GLN A 124 -6.54 -26.70 0.33
C GLN A 124 -7.96 -26.12 0.23
N LEU A 125 -8.13 -25.02 -0.55
CA LEU A 125 -9.42 -24.35 -0.75
C LEU A 125 -9.84 -24.43 -2.21
N ARG A 126 -11.10 -24.78 -2.49
CA ARG A 126 -11.61 -24.92 -3.85
C ARG A 126 -12.39 -23.68 -4.32
N ASP A 127 -12.28 -23.34 -5.60
CA ASP A 127 -13.02 -22.24 -6.21
C ASP A 127 -14.54 -22.38 -5.98
N SER A 128 -15.23 -21.26 -5.66
CA SER A 128 -16.70 -21.25 -5.48
C SER A 128 -17.41 -21.55 -6.81
N LYS A 129 -16.77 -21.17 -7.94
CA LYS A 129 -17.29 -21.44 -9.29
C LYS A 129 -16.83 -22.83 -9.73
N ASP A 132 -12.51 -26.76 -10.79
CA ASP A 132 -11.30 -27.57 -10.62
C ASP A 132 -10.07 -26.71 -10.20
N LYS A 133 -10.30 -25.42 -9.84
CA LYS A 133 -9.23 -24.52 -9.37
C LYS A 133 -9.12 -24.55 -7.86
N SER A 134 -7.88 -24.48 -7.33
CA SER A 134 -7.67 -24.48 -5.88
CA SER A 134 -7.67 -24.48 -5.89
C SER A 134 -6.50 -23.58 -5.49
N VAL A 135 -6.39 -23.29 -4.19
CA VAL A 135 -5.28 -22.55 -3.61
C VAL A 135 -4.84 -23.33 -2.37
N CYS A 136 -3.59 -23.12 -1.95
CA CYS A 136 -3.11 -23.66 -0.68
C CYS A 136 -2.93 -22.50 0.25
N LEU A 137 -3.41 -22.65 1.48
CA LEU A 137 -3.36 -21.64 2.51
C LEU A 137 -2.50 -22.12 3.67
N PHE A 138 -1.32 -21.52 3.86
CA PHE A 138 -0.46 -21.79 5.00
C PHE A 138 -0.85 -20.81 6.04
N THR A 139 -1.34 -21.29 7.18
CA THR A 139 -1.87 -20.37 8.17
C THR A 139 -1.58 -20.81 9.60
N ASP A 140 -1.70 -19.84 10.53
CA ASP A 140 -1.71 -20.03 11.99
C ASP A 140 -0.33 -20.37 12.54
N PHE A 141 0.70 -20.05 11.78
CA PHE A 141 2.08 -20.21 12.22
C PHE A 141 2.49 -19.02 13.10
N ASP A 142 3.50 -19.23 13.96
CA ASP A 142 4.06 -18.19 14.82
C ASP A 142 4.77 -17.11 13.97
N SER A 143 4.96 -15.91 14.53
CA SER A 143 5.54 -14.81 13.78
C SER A 143 7.04 -14.95 13.52
N GLN A 144 7.74 -15.94 14.16
CA GLN A 144 9.16 -16.20 13.90
C GLN A 144 9.28 -17.01 12.60
N THR A 145 8.14 -17.49 12.05
CA THR A 145 8.14 -18.18 10.76
C THR A 145 8.06 -17.13 9.64
N ASN A 146 8.93 -17.29 8.64
CA ASN A 146 8.95 -16.44 7.45
C ASN A 146 8.56 -17.29 6.26
N VAL A 147 7.89 -16.70 5.28
CA VAL A 147 7.46 -17.39 4.08
C VAL A 147 8.37 -16.93 2.95
N SER A 148 9.06 -17.87 2.32
CA SER A 148 9.99 -17.60 1.23
CA SER A 148 9.97 -17.54 1.24
C SER A 148 9.25 -17.53 -0.10
N GLN A 149 9.77 -16.74 -1.04
CA GLN A 149 9.19 -16.64 -2.36
C GLN A 149 9.35 -17.98 -3.07
N SER A 150 8.48 -18.23 -4.05
CA SER A 150 8.54 -19.45 -4.84
C SER A 150 9.83 -19.53 -5.65
N LYS A 151 10.38 -20.74 -5.82
CA LYS A 151 11.58 -20.99 -6.63
C LYS A 151 11.16 -21.46 -8.03
N ASP A 152 9.91 -21.94 -8.17
CA ASP A 152 9.29 -22.38 -9.42
C ASP A 152 8.49 -21.20 -9.95
N SER A 153 8.81 -20.73 -11.16
CA SER A 153 8.19 -19.55 -11.78
CA SER A 153 8.20 -19.54 -11.77
C SER A 153 6.69 -19.65 -11.98
N ASP A 154 6.18 -20.87 -12.21
CA ASP A 154 4.75 -21.12 -12.45
C ASP A 154 3.98 -21.43 -11.15
N VAL A 155 4.65 -21.32 -9.98
CA VAL A 155 4.01 -21.48 -8.66
C VAL A 155 4.07 -20.11 -8.01
N TYR A 156 2.91 -19.57 -7.62
CA TYR A 156 2.85 -18.25 -7.04
C TYR A 156 2.62 -18.35 -5.56
N ILE A 157 3.47 -17.68 -4.78
CA ILE A 157 3.43 -17.69 -3.31
C ILE A 157 3.48 -16.26 -2.81
N THR A 158 2.47 -15.87 -2.04
CA THR A 158 2.48 -14.52 -1.49
C THR A 158 3.31 -14.46 -0.22
N ASP A 159 3.61 -13.25 0.24
CA ASP A 159 4.22 -13.06 1.53
C ASP A 159 3.14 -13.29 2.59
N LYS A 160 3.56 -13.42 3.82
CA LYS A 160 2.61 -13.56 4.90
C LYS A 160 1.89 -12.23 5.12
N CYS A 161 0.67 -12.34 5.62
CA CYS A 161 -0.30 -11.27 5.84
CA CYS A 161 -0.07 -11.15 6.05
C CYS A 161 -0.89 -11.51 7.24
N VAL A 162 -1.07 -10.47 8.07
CA VAL A 162 -1.68 -10.56 9.36
C VAL A 162 -3.14 -10.13 9.30
N LEU A 163 -4.05 -11.02 9.72
CA LEU A 163 -5.48 -10.67 9.85
C LEU A 163 -5.80 -10.63 11.35
N ASP A 164 -6.77 -9.81 11.72
CA ASP A 164 -7.12 -9.59 13.10
C ASP A 164 -8.63 -9.70 13.24
N MET A 165 -9.11 -10.77 13.89
CA MET A 165 -10.53 -10.97 14.18
C MET A 165 -10.74 -10.26 15.49
N ARG A 166 -10.97 -8.95 15.40
CA ARG A 166 -10.87 -8.16 16.62
C ARG A 166 -11.92 -8.49 17.68
N SER A 167 -13.12 -8.96 17.33
CA SER A 167 -14.15 -9.27 18.32
CA SER A 167 -14.09 -9.22 18.38
C SER A 167 -13.83 -10.59 19.05
N MET A 168 -12.85 -11.35 18.55
CA MET A 168 -12.43 -12.63 19.13
C MET A 168 -11.06 -12.56 19.76
N ASP A 169 -10.38 -11.39 19.80
CA ASP A 169 -9.03 -11.25 20.36
C ASP A 169 -8.09 -12.26 19.69
N PHE A 170 -8.16 -12.36 18.35
CA PHE A 170 -7.43 -13.38 17.65
C PHE A 170 -6.78 -12.83 16.43
N LYS A 171 -5.47 -12.98 16.33
CA LYS A 171 -4.72 -12.59 15.17
C LYS A 171 -4.09 -13.82 14.54
N SER A 172 -3.92 -13.81 13.21
CA SER A 172 -3.26 -14.94 12.56
C SER A 172 -2.52 -14.50 11.31
N ASN A 173 -1.42 -15.20 11.06
CA ASN A 173 -0.61 -15.06 9.86
C ASN A 173 -1.05 -16.04 8.80
N SER A 174 -0.91 -15.67 7.53
CA SER A 174 -1.13 -16.63 6.46
C SER A 174 -0.44 -16.20 5.18
N ALA A 175 -0.19 -17.17 4.34
CA ALA A 175 0.34 -16.95 2.99
C ALA A 175 -0.42 -17.88 2.05
N VAL A 176 -0.58 -17.47 0.77
CA VAL A 176 -1.34 -18.21 -0.22
C VAL A 176 -0.42 -18.68 -1.33
N ALA A 177 -0.58 -19.92 -1.78
CA ALA A 177 0.14 -20.47 -2.91
C ALA A 177 -0.84 -21.02 -3.94
N TRP A 178 -0.57 -20.83 -5.24
CA TRP A 178 -1.40 -21.44 -6.27
C TRP A 178 -0.57 -21.69 -7.52
N SER A 179 -1.07 -22.57 -8.38
CA SER A 179 -0.44 -22.91 -9.66
C SER A 179 -1.44 -23.59 -10.58
N ASN A 180 -1.15 -23.60 -11.91
CA ASN A 180 -1.94 -24.29 -12.94
C ASN A 180 -1.28 -25.64 -13.28
N LYS A 181 -0.05 -25.86 -12.76
CA LYS A 181 0.73 -27.09 -12.99
C LYS A 181 0.00 -28.32 -12.46
N SER A 182 0.09 -29.45 -13.19
CA SER A 182 -0.57 -30.72 -12.87
C SER A 182 -0.03 -31.36 -11.59
N ASP A 183 1.31 -31.34 -11.41
CA ASP A 183 2.00 -31.93 -10.26
C ASP A 183 1.86 -31.08 -8.98
N PHE A 184 1.20 -29.91 -9.05
CA PHE A 184 1.04 -29.04 -7.89
C PHE A 184 0.10 -29.64 -6.85
N ALA A 185 0.60 -29.69 -5.61
CA ALA A 185 -0.07 -30.22 -4.43
C ALA A 185 0.32 -29.38 -3.22
N CYS A 186 -0.61 -29.20 -2.27
CA CYS A 186 -0.34 -28.43 -1.07
C CYS A 186 0.79 -29.06 -0.20
N ALA A 187 1.04 -30.39 -0.31
CA ALA A 187 2.12 -31.03 0.45
C ALA A 187 3.51 -30.42 0.14
N ASN A 188 3.69 -29.92 -1.10
CA ASN A 188 4.96 -29.37 -1.58
C ASN A 188 4.95 -27.85 -1.81
N ALA A 189 3.77 -27.22 -1.78
CA ALA A 189 3.63 -25.80 -2.08
C ALA A 189 4.63 -24.94 -1.36
N PHE A 190 4.82 -25.15 -0.03
CA PHE A 190 5.67 -24.24 0.75
C PHE A 190 7.05 -24.84 1.05
N ASN A 191 7.51 -25.75 0.17
CA ASN A 191 8.79 -26.46 0.29
C ASN A 191 10.02 -25.56 0.38
N ASN A 192 9.93 -24.31 -0.11
CA ASN A 192 11.07 -23.39 -0.09
C ASN A 192 11.16 -22.60 1.24
N SER A 193 10.18 -22.75 2.14
CA SER A 193 10.15 -22.05 3.44
C SER A 193 10.61 -22.95 4.57
N ILE A 194 10.94 -22.34 5.72
CA ILE A 194 11.27 -23.09 6.94
C ILE A 194 9.93 -23.27 7.61
N ILE A 195 9.27 -24.41 7.38
CA ILE A 195 7.95 -24.56 7.98
C ILE A 195 8.09 -25.42 9.26
N PRO A 196 7.28 -25.12 10.31
CA PRO A 196 7.39 -25.87 11.57
C PRO A 196 7.24 -27.37 11.37
N GLU A 197 8.02 -28.18 12.11
CA GLU A 197 7.98 -29.63 11.99
C GLU A 197 6.58 -30.21 12.28
N ASP A 198 5.81 -29.53 13.16
CA ASP A 198 4.47 -29.96 13.54
C ASP A 198 3.35 -29.42 12.59
N THR A 199 3.69 -28.82 11.41
CA THR A 199 2.66 -28.28 10.49
C THR A 199 1.66 -29.39 10.09
N PHE A 200 0.36 -29.05 10.17
CA PHE A 200 -0.74 -29.95 9.86
C PHE A 200 -1.08 -29.94 8.37
N PHE A 201 -0.98 -31.11 7.74
CA PHE A 201 -1.34 -31.35 6.35
C PHE A 201 -2.55 -32.26 6.36
N PRO A 202 -3.79 -31.72 6.31
CA PRO A 202 -4.96 -32.61 6.46
C PRO A 202 -5.15 -33.59 5.31
N SER A 203 -5.85 -34.70 5.58
CA SER A 203 -6.26 -35.65 4.57
C SER A 203 -7.37 -35.02 3.67
N PRO A 204 -7.59 -35.52 2.42
CA PRO A 204 -8.68 -34.93 1.59
C PRO A 204 -10.07 -35.10 2.19
N GLY B 2 -12.65 20.46 0.28
CA GLY B 2 -12.49 21.80 0.78
C GLY B 2 -11.55 21.89 1.98
N ALA B 3 -11.86 21.11 3.03
CA ALA B 3 -11.08 21.03 4.28
C ALA B 3 -9.79 20.20 4.13
N GLY B 4 -9.68 19.43 3.05
CA GLY B 4 -8.52 18.60 2.76
C GLY B 4 -8.01 18.83 1.35
N VAL B 5 -6.73 18.48 1.07
CA VAL B 5 -6.16 18.62 -0.28
C VAL B 5 -6.72 17.51 -1.16
N SER B 6 -7.19 17.89 -2.37
CA SER B 6 -7.67 16.89 -3.29
CA SER B 6 -7.74 16.98 -3.35
C SER B 6 -6.80 16.85 -4.54
N GLN B 7 -6.72 15.65 -5.13
CA GLN B 7 -5.95 15.43 -6.33
C GLN B 7 -6.73 14.59 -7.30
N SER B 8 -6.57 14.89 -8.59
CA SER B 8 -7.21 14.13 -9.65
CA SER B 8 -7.24 14.18 -9.67
C SER B 8 -6.29 14.06 -10.86
N PRO B 9 -6.28 12.93 -11.58
CA PRO B 9 -6.99 11.67 -11.28
C PRO B 9 -6.23 10.92 -10.17
N ARG B 10 -6.92 10.07 -9.43
CA ARG B 10 -6.23 9.27 -8.41
C ARG B 10 -5.24 8.31 -9.08
N TYR B 11 -5.60 7.80 -10.27
CA TYR B 11 -4.73 6.88 -11.01
C TYR B 11 -4.71 7.31 -12.47
N LYS B 12 -3.59 7.10 -13.11
CA LYS B 12 -3.43 7.42 -14.52
C LYS B 12 -2.49 6.43 -15.18
N VAL B 13 -2.91 5.82 -16.28
CA VAL B 13 -2.00 5.00 -17.08
C VAL B 13 -1.87 5.75 -18.42
N ALA B 14 -0.65 6.07 -18.81
CA ALA B 14 -0.43 6.86 -20.03
C ALA B 14 0.45 6.11 -21.00
N LYS B 15 0.25 6.36 -22.29
CA LYS B 15 1.09 5.82 -23.35
C LYS B 15 2.35 6.68 -23.46
N ARG B 16 3.51 6.05 -23.47
CA ARG B 16 4.79 6.75 -23.66
C ARG B 16 4.69 7.71 -24.85
N GLY B 17 5.08 8.97 -24.63
CA GLY B 17 5.06 9.98 -25.67
C GLY B 17 3.85 10.90 -25.60
N GLN B 18 2.82 10.51 -24.81
CA GLN B 18 1.60 11.32 -24.66
CA GLN B 18 1.64 11.37 -24.72
C GLN B 18 1.81 12.31 -23.52
N ASP B 19 1.10 13.44 -23.55
CA ASP B 19 1.16 14.39 -22.44
C ASP B 19 0.20 13.98 -21.33
N VAL B 20 0.50 14.35 -20.07
CA VAL B 20 -0.44 14.14 -18.96
C VAL B 20 -0.58 15.43 -18.18
N ALA B 21 -1.72 15.59 -17.54
CA ALA B 21 -1.98 16.75 -16.71
C ALA B 21 -2.55 16.26 -15.36
N LEU B 22 -1.92 16.66 -14.25
CA LEU B 22 -2.31 16.24 -12.91
C LEU B 22 -2.81 17.43 -12.11
N ARG B 23 -4.00 17.31 -11.50
CA ARG B 23 -4.63 18.44 -10.84
C ARG B 23 -4.52 18.33 -9.33
N CYS B 24 -4.36 19.50 -8.71
CA CYS B 24 -4.37 19.63 -7.27
C CYS B 24 -5.26 20.77 -6.82
N ASP B 25 -6.16 20.50 -5.88
N ASP B 25 -6.18 20.50 -5.89
CA ASP B 25 -7.03 21.51 -5.28
CA ASP B 25 -7.04 21.52 -5.30
C ASP B 25 -6.57 21.66 -3.83
C ASP B 25 -6.59 21.66 -3.84
N PRO B 26 -5.90 22.76 -3.49
CA PRO B 26 -5.40 22.91 -2.11
C PRO B 26 -6.54 23.10 -1.10
N ILE B 27 -6.23 23.05 0.20
CA ILE B 27 -7.24 23.38 1.22
C ILE B 27 -7.71 24.81 0.92
N SER B 28 -9.03 25.06 1.03
CA SER B 28 -9.64 26.36 0.70
CA SER B 28 -9.62 26.36 0.70
C SER B 28 -8.82 27.53 1.25
N GLY B 29 -8.39 28.40 0.35
CA GLY B 29 -7.67 29.60 0.71
C GLY B 29 -6.20 29.51 1.08
N HIS B 30 -5.60 28.31 1.05
CA HIS B 30 -4.18 28.17 1.40
C HIS B 30 -3.28 28.89 0.37
N VAL B 31 -2.36 29.71 0.88
CA VAL B 31 -1.45 30.54 0.07
CA VAL B 31 -1.45 30.52 0.04
C VAL B 31 -0.37 29.65 -0.61
N SER B 32 0.14 28.64 0.11
CA SER B 32 1.26 27.85 -0.39
CA SER B 32 1.26 27.85 -0.36
C SER B 32 0.81 26.52 -0.95
N LEU B 33 1.40 26.16 -2.12
CA LEU B 33 1.10 24.89 -2.77
C LEU B 33 2.43 24.26 -3.21
N PHE B 34 2.59 22.95 -2.95
CA PHE B 34 3.80 22.23 -3.26
C PHE B 34 3.53 21.01 -4.06
N TRP B 35 4.43 20.63 -4.97
CA TRP B 35 4.39 19.36 -5.69
C TRP B 35 5.61 18.57 -5.31
N TYR B 36 5.44 17.25 -5.10
CA TYR B 36 6.52 16.30 -4.82
C TYR B 36 6.31 15.08 -5.73
N GLN B 37 7.39 14.36 -6.01
CA GLN B 37 7.40 13.12 -6.78
C GLN B 37 7.96 12.03 -5.89
N GLN B 38 7.31 10.87 -5.87
CA GLN B 38 7.80 9.76 -5.05
C GLN B 38 7.92 8.49 -5.88
N ALA B 39 9.16 7.97 -5.98
CA ALA B 39 9.49 6.69 -6.62
C ALA B 39 9.17 5.56 -5.64
N LEU B 40 8.84 4.36 -6.16
CA LEU B 40 8.46 3.19 -5.37
C LEU B 40 9.53 2.83 -4.32
N GLY B 41 9.08 2.66 -3.07
CA GLY B 41 9.92 2.33 -1.92
C GLY B 41 10.90 3.40 -1.48
N GLN B 42 10.74 4.65 -1.99
CA GLN B 42 11.63 5.78 -1.69
C GLN B 42 10.86 6.93 -1.02
N GLY B 43 11.55 8.03 -0.76
CA GLY B 43 10.96 9.19 -0.14
C GLY B 43 10.57 10.24 -1.17
N PRO B 44 9.53 11.06 -0.86
CA PRO B 44 9.14 12.13 -1.80
C PRO B 44 10.28 13.09 -2.09
N GLU B 45 10.32 13.62 -3.31
CA GLU B 45 11.33 14.56 -3.78
C GLU B 45 10.63 15.83 -4.22
N PHE B 46 11.02 16.95 -3.66
CA PHE B 46 10.42 18.22 -4.03
C PHE B 46 10.54 18.51 -5.52
N LEU B 47 9.45 19.02 -6.11
CA LEU B 47 9.41 19.47 -7.49
C LEU B 47 9.34 21.00 -7.56
N THR B 48 8.26 21.58 -7.03
CA THR B 48 8.04 23.02 -7.15
C THR B 48 7.09 23.56 -6.06
N TYR B 49 7.19 24.87 -5.82
CA TYR B 49 6.43 25.59 -4.79
C TYR B 49 5.84 26.89 -5.34
N PHE B 50 4.56 27.11 -5.01
CA PHE B 50 3.87 28.35 -5.35
C PHE B 50 3.46 29.08 -4.11
N GLN B 51 3.61 30.41 -4.18
CA GLN B 51 3.08 31.37 -3.24
C GLN B 51 2.03 32.08 -4.04
N ASN B 52 0.76 31.81 -3.79
CA ASN B 52 -0.33 32.32 -4.64
C ASN B 52 -0.03 31.82 -6.07
N GLU B 53 -0.04 32.68 -7.09
CA GLU B 53 0.21 32.26 -8.47
C GLU B 53 1.70 32.20 -8.84
N ALA B 54 2.57 32.73 -7.96
CA ALA B 54 4.00 32.84 -8.21
C ALA B 54 4.75 31.57 -7.86
N GLN B 55 5.43 31.02 -8.85
CA GLN B 55 6.21 29.81 -8.69
C GLN B 55 7.60 30.21 -8.20
N LEU B 56 7.75 30.37 -6.85
CA LEU B 56 8.96 30.90 -6.22
C LEU B 56 10.17 29.97 -6.24
N ASP B 57 9.94 28.66 -6.19
CA ASP B 57 11.04 27.71 -6.20
C ASP B 57 10.68 26.57 -7.12
N LYS B 58 11.32 26.49 -8.29
CA LYS B 58 11.11 25.46 -9.32
C LYS B 58 12.26 24.47 -9.37
N SER B 59 13.15 24.49 -8.37
CA SER B 59 14.44 23.78 -8.40
C SER B 59 14.37 22.27 -8.51
N GLY B 60 13.25 21.64 -8.16
CA GLY B 60 13.17 20.19 -8.24
C GLY B 60 12.60 19.63 -9.52
N LEU B 61 12.11 20.51 -10.41
CA LEU B 61 11.55 20.06 -11.68
C LEU B 61 12.63 19.56 -12.63
N PRO B 62 12.42 18.43 -13.33
CA PRO B 62 13.38 18.02 -14.38
C PRO B 62 13.59 19.14 -15.39
N SER B 63 14.80 19.25 -15.97
CA SER B 63 15.19 20.33 -16.90
C SER B 63 14.30 20.45 -18.16
N ASP B 64 13.48 19.43 -18.45
CA ASP B 64 12.61 19.44 -19.63
C ASP B 64 11.32 18.68 -19.36
N ARG B 65 10.26 19.04 -20.10
CA ARG B 65 8.96 18.38 -20.17
C ARG B 65 8.04 18.60 -18.96
N PHE B 66 8.57 19.07 -17.82
CA PHE B 66 7.72 19.25 -16.63
C PHE B 66 7.46 20.71 -16.39
N PHE B 67 6.17 21.11 -16.29
CA PHE B 67 5.75 22.50 -16.10
C PHE B 67 4.54 22.54 -15.20
N ALA B 68 4.58 23.36 -14.16
CA ALA B 68 3.44 23.48 -13.28
C ALA B 68 2.81 24.86 -13.47
N GLU B 69 1.50 24.91 -13.23
CA GLU B 69 0.68 26.10 -13.39
C GLU B 69 -0.23 26.27 -12.18
N ARG B 70 -0.51 27.50 -11.77
CA ARG B 70 -1.47 27.84 -10.70
C ARG B 70 -1.92 29.27 -11.00
N PRO B 71 -2.62 29.47 -12.13
CA PRO B 71 -2.81 30.83 -12.67
C PRO B 71 -3.65 31.78 -11.88
N GLU B 72 -4.51 31.27 -10.97
CA GLU B 72 -5.33 32.13 -10.14
C GLU B 72 -4.94 31.97 -8.66
N GLY B 73 -3.81 31.29 -8.40
CA GLY B 73 -3.36 31.07 -7.03
C GLY B 73 -4.22 30.13 -6.24
N SER B 74 -5.03 29.29 -6.92
CA SER B 74 -5.87 28.30 -6.23
C SER B 74 -5.49 26.89 -6.74
N VAL B 75 -6.25 26.34 -7.71
N VAL B 75 -6.26 26.31 -7.68
CA VAL B 75 -6.00 25.04 -8.35
CA VAL B 75 -5.98 25.00 -8.25
C VAL B 75 -4.63 25.05 -9.07
C VAL B 75 -4.64 25.05 -9.03
N SER B 76 -3.86 23.95 -8.94
CA SER B 76 -2.58 23.83 -9.65
C SER B 76 -2.62 22.60 -10.54
N THR B 77 -1.99 22.71 -11.71
CA THR B 77 -1.87 21.60 -12.65
C THR B 77 -0.41 21.37 -12.91
N LEU B 78 0.01 20.13 -12.75
CA LEU B 78 1.37 19.71 -13.12
C LEU B 78 1.25 19.03 -14.48
N LYS B 79 1.91 19.61 -15.49
CA LYS B 79 1.86 19.05 -16.83
C LYS B 79 3.18 18.36 -17.14
N ILE B 80 3.09 17.13 -17.65
CA ILE B 80 4.27 16.37 -18.06
C ILE B 80 4.12 16.15 -19.55
N GLN B 81 4.99 16.78 -20.34
CA GLN B 81 4.91 16.59 -21.79
C GLN B 81 5.61 15.32 -22.22
N ARG B 82 5.10 14.68 -23.33
CA ARG B 82 5.73 13.53 -23.98
CA ARG B 82 5.75 13.54 -23.99
C ARG B 82 6.35 12.59 -22.95
N THR B 83 5.47 12.01 -22.13
CA THR B 83 5.84 11.15 -21.02
CA THR B 83 5.90 11.24 -21.00
C THR B 83 6.81 10.04 -21.38
N GLN B 84 7.70 9.71 -20.44
CA GLN B 84 8.68 8.64 -20.55
C GLN B 84 8.46 7.67 -19.38
N GLN B 85 8.92 6.42 -19.50
CA GLN B 85 8.75 5.42 -18.46
C GLN B 85 9.22 5.87 -17.09
N GLU B 86 10.35 6.59 -17.03
CA GLU B 86 10.93 7.06 -15.77
C GLU B 86 10.02 8.09 -15.05
N ASP B 87 8.99 8.64 -15.74
CA ASP B 87 8.07 9.57 -15.08
C ASP B 87 7.09 8.81 -14.19
N SER B 88 7.01 7.44 -14.29
CA SER B 88 6.09 6.67 -13.44
C SER B 88 6.45 6.88 -11.98
N ALA B 89 5.49 7.34 -11.22
CA ALA B 89 5.72 7.67 -9.81
C ALA B 89 4.41 8.07 -9.19
N VAL B 90 4.44 8.33 -7.89
CA VAL B 90 3.32 8.94 -7.18
C VAL B 90 3.61 10.43 -7.12
N TYR B 91 2.67 11.27 -7.61
CA TYR B 91 2.82 12.73 -7.54
C TYR B 91 1.97 13.22 -6.39
N LEU B 92 2.61 13.90 -5.43
CA LEU B 92 1.93 14.37 -4.25
C LEU B 92 1.88 15.85 -4.22
N CYS B 93 0.74 16.37 -3.85
CA CYS B 93 0.53 17.79 -3.71
CA CYS B 93 0.72 17.81 -3.68
C CYS B 93 0.31 18.10 -2.24
N ALA B 94 0.79 19.23 -1.75
CA ALA B 94 0.55 19.67 -0.39
C ALA B 94 0.21 21.15 -0.40
N SER B 95 -0.50 21.58 0.64
CA SER B 95 -0.74 23.02 0.80
C SER B 95 -0.50 23.41 2.23
N SER B 96 -0.20 24.68 2.45
CA SER B 96 -0.03 25.23 3.80
C SER B 96 -0.56 26.65 3.84
N SER B 97 -0.99 27.07 5.04
CA SER B 97 -1.48 28.43 5.27
C SER B 97 -0.43 29.16 6.09
N ARG B 98 -0.82 30.16 6.94
CA ARG B 98 0.09 30.98 7.74
C ARG B 98 0.95 30.19 8.76
N ASP B 99 0.44 29.07 9.32
CA ASP B 99 1.18 28.29 10.32
C ASP B 99 2.33 27.45 9.67
N LEU B 100 2.39 27.43 8.31
CA LEU B 100 3.40 26.78 7.45
C LEU B 100 3.42 25.23 7.54
N GLU B 101 2.43 24.62 8.21
CA GLU B 101 2.35 23.15 8.27
C GLU B 101 1.79 22.64 6.93
N GLN B 102 2.51 21.69 6.30
CA GLN B 102 2.10 21.15 5.01
C GLN B 102 1.15 19.97 5.16
N TYR B 103 0.00 20.07 4.49
CA TYR B 103 -1.03 19.04 4.44
C TYR B 103 -0.99 18.39 3.07
N PHE B 104 -0.88 17.06 3.01
CA PHE B 104 -0.77 16.34 1.75
C PHE B 104 -2.08 15.81 1.23
N GLY B 105 -2.18 15.79 -0.10
CA GLY B 105 -3.31 15.18 -0.79
C GLY B 105 -3.14 13.68 -0.91
N PRO B 106 -4.10 13.00 -1.54
CA PRO B 106 -4.02 11.54 -1.63
C PRO B 106 -3.05 11.03 -2.70
N GLY B 107 -2.53 11.95 -3.53
CA GLY B 107 -1.60 11.60 -4.60
C GLY B 107 -2.26 11.15 -5.89
N THR B 108 -1.48 11.20 -6.96
CA THR B 108 -1.83 10.64 -8.26
C THR B 108 -0.82 9.59 -8.53
N ARG B 109 -1.26 8.33 -8.77
CA ARG B 109 -0.34 7.26 -9.14
C ARG B 109 -0.28 7.19 -10.68
N LEU B 110 0.86 7.58 -11.28
CA LEU B 110 1.04 7.57 -12.71
C LEU B 110 1.89 6.39 -13.13
N THR B 111 1.41 5.61 -14.13
CA THR B 111 2.18 4.56 -14.77
C THR B 111 2.29 4.90 -16.24
N VAL B 112 3.52 5.04 -16.75
CA VAL B 112 3.74 5.29 -18.17
C VAL B 112 4.14 3.95 -18.80
N THR B 113 3.40 3.49 -19.83
CA THR B 113 3.66 2.20 -20.45
C THR B 113 3.90 2.40 -21.93
N GLU B 114 4.57 1.43 -22.59
CA GLU B 114 4.89 1.63 -24.00
C GLU B 114 3.69 1.70 -24.93
N ASP B 115 2.65 0.91 -24.62
CA ASP B 115 1.43 0.84 -25.41
C ASP B 115 0.31 0.47 -24.48
N LEU B 116 -0.88 1.02 -24.72
CA LEU B 116 -2.02 0.72 -23.85
C LEU B 116 -2.48 -0.74 -23.98
N LYS B 117 -1.99 -1.50 -24.98
CA LYS B 117 -2.34 -2.92 -25.09
CA LYS B 117 -2.37 -2.91 -25.06
C LYS B 117 -1.71 -3.71 -23.92
N ASN B 118 -0.82 -3.05 -23.12
CA ASN B 118 -0.21 -3.70 -21.94
C ASN B 118 -1.19 -3.67 -20.77
N VAL B 119 -2.29 -2.93 -20.89
CA VAL B 119 -3.25 -2.77 -19.79
C VAL B 119 -4.28 -3.90 -19.79
N PHE B 120 -4.42 -4.54 -18.62
CA PHE B 120 -5.33 -5.68 -18.45
C PHE B 120 -6.08 -5.57 -17.14
N PRO B 121 -7.40 -5.81 -17.15
CA PRO B 121 -8.13 -5.88 -15.88
C PRO B 121 -7.79 -7.20 -15.19
N PRO B 122 -8.04 -7.30 -13.89
CA PRO B 122 -7.86 -8.59 -13.24
C PRO B 122 -8.96 -9.60 -13.54
N GLU B 123 -8.63 -10.88 -13.42
CA GLU B 123 -9.60 -11.93 -13.28
C GLU B 123 -9.73 -12.12 -11.78
N VAL B 124 -10.94 -12.40 -11.24
CA VAL B 124 -11.16 -12.48 -9.81
C VAL B 124 -11.84 -13.80 -9.47
N ALA B 125 -11.32 -14.49 -8.45
CA ALA B 125 -11.90 -15.75 -8.03
C ALA B 125 -11.91 -15.86 -6.53
N VAL B 126 -12.96 -16.52 -5.98
CA VAL B 126 -13.09 -16.74 -4.54
C VAL B 126 -12.98 -18.23 -4.28
N PHE B 127 -12.18 -18.57 -3.27
CA PHE B 127 -11.90 -19.94 -2.84
C PHE B 127 -12.51 -20.16 -1.48
N GLU B 128 -13.34 -21.22 -1.38
CA GLU B 128 -14.12 -21.45 -0.17
C GLU B 128 -13.32 -22.15 0.92
N PRO B 129 -13.69 -21.90 2.18
CA PRO B 129 -12.96 -22.51 3.30
C PRO B 129 -12.89 -24.03 3.26
N SER B 130 -11.77 -24.55 3.71
CA SER B 130 -11.56 -25.99 3.83
C SER B 130 -12.35 -26.57 5.00
N GLU B 131 -12.98 -27.74 4.80
CA GLU B 131 -13.69 -28.39 5.90
C GLU B 131 -12.71 -28.79 7.01
N ALA B 132 -11.46 -29.08 6.65
CA ALA B 132 -10.43 -29.43 7.61
C ALA B 132 -10.08 -28.23 8.51
N GLU B 133 -10.04 -27.00 7.92
CA GLU B 133 -9.81 -25.85 8.78
C GLU B 133 -10.97 -25.69 9.76
N ILE B 134 -12.18 -25.88 9.27
CA ILE B 134 -13.36 -25.73 10.10
C ILE B 134 -13.31 -26.71 11.29
N SER B 135 -13.00 -27.99 11.02
CA SER B 135 -12.99 -28.95 12.12
CA SER B 135 -12.94 -28.99 12.09
C SER B 135 -11.79 -28.73 13.04
N HIS B 136 -10.63 -28.25 12.50
CA HIS B 136 -9.45 -28.03 13.31
C HIS B 136 -9.50 -26.82 14.18
N THR B 137 -10.12 -25.73 13.68
CA THR B 137 -10.09 -24.44 14.40
C THR B 137 -11.43 -23.81 14.70
N GLN B 138 -12.52 -24.30 14.10
CA GLN B 138 -13.85 -23.67 14.14
C GLN B 138 -13.82 -22.22 13.58
N LYS B 139 -12.84 -21.98 12.68
CA LYS B 139 -12.75 -20.76 11.87
C LYS B 139 -12.79 -21.16 10.41
N ALA B 140 -13.05 -20.20 9.54
CA ALA B 140 -13.22 -20.46 8.11
C ALA B 140 -12.62 -19.31 7.33
N THR B 141 -11.56 -19.60 6.54
CA THR B 141 -10.89 -18.59 5.75
C THR B 141 -11.28 -18.70 4.30
N LEU B 142 -11.80 -17.61 3.75
CA LEU B 142 -12.06 -17.42 2.33
C LEU B 142 -10.83 -16.75 1.72
N VAL B 143 -10.46 -17.10 0.48
CA VAL B 143 -9.35 -16.41 -0.20
C VAL B 143 -9.89 -15.82 -1.50
N CYS B 144 -9.45 -14.61 -1.82
CA CYS B 144 -9.76 -13.98 -3.08
C CYS B 144 -8.49 -13.81 -3.83
N LEU B 145 -8.48 -14.16 -5.13
CA LEU B 145 -7.30 -13.96 -5.97
C LEU B 145 -7.66 -13.04 -7.11
N ALA B 146 -6.84 -12.01 -7.31
CA ALA B 146 -6.98 -11.11 -8.46
C ALA B 146 -5.75 -11.32 -9.31
N THR B 147 -5.94 -11.82 -10.54
CA THR B 147 -4.77 -12.19 -11.35
C THR B 147 -4.74 -11.53 -12.70
N GLY B 148 -3.51 -11.45 -13.28
CA GLY B 148 -3.31 -10.99 -14.64
C GLY B 148 -3.53 -9.51 -14.92
N PHE B 149 -3.48 -8.65 -13.89
CA PHE B 149 -3.78 -7.25 -14.13
C PHE B 149 -2.54 -6.36 -14.33
N TYR B 150 -2.74 -5.27 -15.05
CA TYR B 150 -1.70 -4.26 -15.26
C TYR B 150 -2.36 -2.96 -15.69
N PRO B 151 -2.03 -1.80 -15.09
CA PRO B 151 -1.02 -1.56 -14.06
C PRO B 151 -1.49 -2.03 -12.68
N ASP B 152 -0.64 -1.84 -11.67
CA ASP B 152 -1.02 -2.17 -10.30
C ASP B 152 -1.85 -1.04 -9.71
N HIS B 153 -3.05 -0.82 -10.26
CA HIS B 153 -3.97 0.24 -9.86
C HIS B 153 -5.29 -0.44 -9.51
N VAL B 154 -5.33 -1.09 -8.33
CA VAL B 154 -6.49 -1.85 -7.91
C VAL B 154 -6.83 -1.55 -6.45
N GLU B 155 -8.12 -1.72 -6.12
CA GLU B 155 -8.59 -1.64 -4.74
C GLU B 155 -9.47 -2.85 -4.50
N LEU B 156 -9.07 -3.75 -3.58
CA LEU B 156 -9.84 -4.96 -3.29
C LEU B 156 -10.62 -4.75 -1.99
N SER B 157 -11.90 -5.19 -1.97
CA SER B 157 -12.68 -5.09 -0.75
C SER B 157 -13.54 -6.35 -0.59
N TRP B 158 -13.94 -6.66 0.66
CA TRP B 158 -14.82 -7.76 0.99
C TRP B 158 -16.15 -7.27 1.48
N TRP B 159 -17.22 -7.98 1.08
CA TRP B 159 -18.60 -7.60 1.42
C TRP B 159 -19.36 -8.79 1.89
N VAL B 160 -20.03 -8.64 3.04
CA VAL B 160 -20.82 -9.70 3.62
C VAL B 160 -22.27 -9.23 3.66
N ASN B 161 -23.16 -9.90 2.91
CA ASN B 161 -24.57 -9.48 2.82
C ASN B 161 -24.66 -7.99 2.46
N GLY B 162 -23.78 -7.53 1.55
CA GLY B 162 -23.84 -6.15 1.12
C GLY B 162 -23.20 -5.13 2.04
N LYS B 163 -22.53 -5.58 3.12
CA LYS B 163 -21.88 -4.67 4.08
C LYS B 163 -20.37 -4.88 4.00
N GLU B 164 -19.59 -3.82 3.86
CA GLU B 164 -18.15 -4.01 3.75
C GLU B 164 -17.58 -4.51 5.06
N VAL B 165 -16.59 -5.42 5.00
CA VAL B 165 -16.01 -5.92 6.23
CA VAL B 165 -15.98 -5.99 6.21
C VAL B 165 -14.50 -5.63 6.25
N HIS B 166 -13.99 -5.35 7.46
CA HIS B 166 -12.58 -5.07 7.65
C HIS B 166 -11.94 -6.03 8.66
N SER B 167 -12.70 -6.38 9.70
CA SER B 167 -12.23 -7.31 10.72
C SER B 167 -12.01 -8.67 10.08
N GLY B 168 -10.88 -9.30 10.36
CA GLY B 168 -10.58 -10.62 9.84
C GLY B 168 -10.07 -10.64 8.41
N VAL B 169 -9.78 -9.45 7.84
CA VAL B 169 -9.28 -9.36 6.48
C VAL B 169 -7.82 -9.04 6.42
N CYS B 170 -7.10 -9.60 5.43
CA CYS B 170 -5.75 -9.17 5.12
CA CYS B 170 -5.81 -9.04 5.11
C CYS B 170 -5.52 -9.28 3.63
N THR B 171 -5.23 -8.14 2.98
CA THR B 171 -4.89 -8.08 1.57
C THR B 171 -3.41 -7.86 1.48
N ASP B 172 -2.75 -8.60 0.60
CA ASP B 172 -1.30 -8.45 0.44
C ASP B 172 -0.91 -7.00 0.25
N PRO B 173 0.06 -6.46 1.04
CA PRO B 173 0.48 -5.07 0.82
C PRO B 173 1.13 -4.84 -0.56
N GLN B 174 1.72 -5.90 -1.17
CA GLN B 174 2.39 -5.78 -2.46
C GLN B 174 1.90 -6.85 -3.41
N PRO B 175 1.77 -6.55 -4.71
CA PRO B 175 1.38 -7.59 -5.68
C PRO B 175 2.56 -8.47 -6.04
N LEU B 176 2.28 -9.64 -6.62
CA LEU B 176 3.30 -10.57 -7.14
C LEU B 176 3.44 -10.37 -8.63
N LYS B 177 4.64 -10.54 -9.17
CA LYS B 177 4.84 -10.55 -10.63
C LYS B 177 4.47 -11.90 -11.19
N GLU B 178 3.58 -11.91 -12.21
CA GLU B 178 3.21 -13.16 -12.87
C GLU B 178 4.34 -13.71 -13.77
N GLN B 179 5.19 -12.79 -14.29
CA GLN B 179 6.35 -13.10 -15.14
CA GLN B 179 6.35 -13.16 -15.10
C GLN B 179 7.59 -12.67 -14.35
N PRO B 180 7.93 -13.42 -13.25
CA PRO B 180 9.02 -12.95 -12.40
C PRO B 180 10.41 -12.88 -13.07
N ALA B 181 10.69 -13.68 -14.11
CA ALA B 181 12.01 -13.60 -14.77
C ALA B 181 12.16 -12.35 -15.64
N LEU B 182 11.03 -11.72 -16.04
CA LEU B 182 11.03 -10.59 -16.97
C LEU B 182 10.85 -9.24 -16.30
N ASN B 183 11.20 -8.17 -17.03
CA ASN B 183 11.03 -6.82 -16.50
C ASN B 183 9.59 -6.35 -16.74
N ASP B 184 8.98 -6.75 -17.87
CA ASP B 184 7.59 -6.41 -18.17
C ASP B 184 6.69 -7.51 -17.62
N SER B 185 5.85 -7.20 -16.59
CA SER B 185 5.01 -8.25 -16.03
C SER B 185 3.63 -7.78 -15.59
N ARG B 186 2.63 -8.63 -15.77
CA ARG B 186 1.29 -8.45 -15.16
C ARG B 186 1.38 -8.89 -13.69
N TYR B 187 0.33 -8.57 -12.90
CA TYR B 187 0.37 -8.81 -11.46
C TYR B 187 -0.72 -9.66 -10.95
N ALA B 188 -0.47 -10.23 -9.75
CA ALA B 188 -1.47 -10.96 -9.00
C ALA B 188 -1.51 -10.43 -7.57
N LEU B 189 -2.65 -10.56 -6.91
CA LEU B 189 -2.84 -10.08 -5.54
CA LEU B 189 -2.84 -10.10 -5.53
C LEU B 189 -3.79 -11.03 -4.81
N SER B 190 -3.52 -11.34 -3.55
CA SER B 190 -4.43 -12.19 -2.80
C SER B 190 -4.97 -11.46 -1.59
N SER B 191 -6.13 -11.94 -1.11
CA SER B 191 -6.73 -11.43 0.10
C SER B 191 -7.41 -12.56 0.84
N ARG B 192 -7.51 -12.45 2.16
CA ARG B 192 -8.19 -13.43 2.97
C ARG B 192 -9.23 -12.71 3.79
N LEU B 193 -10.34 -13.40 4.02
CA LEU B 193 -11.37 -13.01 4.98
C LEU B 193 -11.61 -14.23 5.84
N ARG B 194 -11.41 -14.11 7.15
CA ARG B 194 -11.63 -15.22 8.08
C ARG B 194 -12.79 -14.88 8.97
N VAL B 195 -13.76 -15.82 9.06
CA VAL B 195 -14.94 -15.67 9.88
C VAL B 195 -15.04 -16.87 10.82
N SER B 196 -16.00 -16.83 11.76
CA SER B 196 -16.20 -18.03 12.56
C SER B 196 -16.83 -19.13 11.66
N ALA B 197 -16.63 -20.41 12.00
CA ALA B 197 -17.23 -21.47 11.20
C ALA B 197 -18.77 -21.36 11.20
N THR B 198 -19.38 -21.00 12.35
CA THR B 198 -20.84 -20.89 12.43
CA THR B 198 -20.85 -20.88 12.45
C THR B 198 -21.37 -19.85 11.45
N PHE B 199 -20.61 -18.77 11.22
CA PHE B 199 -21.04 -17.73 10.29
C PHE B 199 -20.93 -18.25 8.84
N TRP B 200 -19.81 -18.94 8.52
CA TRP B 200 -19.67 -19.51 7.19
C TRP B 200 -20.70 -20.61 6.94
N GLN B 201 -21.13 -21.32 7.99
CA GLN B 201 -22.05 -22.43 7.80
C GLN B 201 -23.51 -21.99 7.53
N ASN B 202 -23.83 -20.69 7.66
CA ASN B 202 -25.16 -20.18 7.36
C ASN B 202 -25.32 -19.99 5.83
N PRO B 203 -26.19 -20.78 5.13
CA PRO B 203 -26.28 -20.64 3.66
C PRO B 203 -26.90 -19.34 3.18
N ARG B 204 -27.46 -18.56 4.12
CA ARG B 204 -28.04 -17.28 3.79
C ARG B 204 -26.97 -16.20 3.71
N ASN B 205 -25.75 -16.46 4.24
CA ASN B 205 -24.66 -15.49 4.20
C ASN B 205 -23.97 -15.46 2.85
N HIS B 206 -23.93 -14.26 2.26
CA HIS B 206 -23.36 -14.01 0.94
C HIS B 206 -22.05 -13.24 1.07
N PHE B 207 -20.97 -13.77 0.49
CA PHE B 207 -19.64 -13.18 0.57
C PHE B 207 -19.19 -12.75 -0.80
N ARG B 208 -18.76 -11.50 -0.96
CA ARG B 208 -18.31 -11.06 -2.27
C ARG B 208 -16.98 -10.38 -2.15
N CYS B 209 -16.05 -10.73 -3.04
CA CYS B 209 -14.76 -10.08 -3.18
CA CYS B 209 -14.81 -9.95 -3.08
C CYS B 209 -14.84 -9.14 -4.38
N GLN B 210 -14.62 -7.85 -4.23
CA GLN B 210 -14.74 -6.86 -5.30
C GLN B 210 -13.40 -6.25 -5.55
N VAL B 211 -13.02 -6.14 -6.83
CA VAL B 211 -11.78 -5.48 -7.16
C VAL B 211 -12.08 -4.35 -8.12
N GLN B 212 -11.84 -3.11 -7.67
CA GLN B 212 -11.97 -1.99 -8.58
C GLN B 212 -10.64 -1.83 -9.27
N PHE B 213 -10.65 -1.91 -10.59
CA PHE B 213 -9.47 -1.73 -11.41
C PHE B 213 -9.59 -0.38 -12.12
N TYR B 214 -8.51 0.41 -12.05
CA TYR B 214 -8.45 1.71 -12.70
C TYR B 214 -7.65 1.57 -13.99
N GLY B 215 -8.35 1.82 -15.09
CA GLY B 215 -7.78 1.60 -16.40
C GLY B 215 -8.02 2.75 -17.34
N LEU B 216 -8.39 2.42 -18.57
CA LEU B 216 -8.54 3.42 -19.63
C LEU B 216 -9.82 4.19 -19.52
N SER B 217 -9.82 5.39 -20.13
CA SER B 217 -10.96 6.31 -20.21
C SER B 217 -11.56 6.31 -21.63
N GLU B 218 -12.69 7.02 -21.82
CA GLU B 218 -13.36 7.19 -23.14
C GLU B 218 -12.41 7.81 -24.15
N ASN B 219 -11.56 8.75 -23.69
CA ASN B 219 -10.60 9.51 -24.49
C ASN B 219 -9.44 8.65 -25.01
N ASP B 220 -9.07 7.56 -24.29
CA ASP B 220 -8.00 6.69 -24.76
C ASP B 220 -8.43 5.93 -25.98
N GLU B 221 -7.54 5.80 -26.95
CA GLU B 221 -7.86 5.04 -28.14
C GLU B 221 -7.70 3.56 -27.88
N TRP B 222 -8.44 2.73 -28.60
CA TRP B 222 -8.35 1.29 -28.41
C TRP B 222 -8.47 0.60 -29.75
N THR B 223 -7.47 -0.21 -30.10
CA THR B 223 -7.45 -0.84 -31.41
C THR B 223 -7.42 -2.36 -31.35
N GLN B 224 -7.19 -2.95 -30.16
CA GLN B 224 -7.15 -4.42 -30.00
C GLN B 224 -8.55 -4.98 -30.09
N ASP B 225 -8.66 -6.24 -30.54
CA ASP B 225 -9.97 -6.85 -30.70
C ASP B 225 -10.64 -7.17 -29.37
N ARG B 226 -9.85 -7.34 -28.27
CA ARG B 226 -10.43 -7.65 -26.97
C ARG B 226 -11.10 -6.40 -26.37
N ALA B 227 -11.94 -6.61 -25.36
CA ALA B 227 -12.66 -5.51 -24.73
C ALA B 227 -11.71 -4.46 -24.19
N LYS B 228 -12.05 -3.20 -24.40
CA LYS B 228 -11.26 -2.10 -23.89
C LYS B 228 -11.15 -2.20 -22.36
N PRO B 229 -9.91 -2.15 -21.84
CA PRO B 229 -9.73 -2.30 -20.37
C PRO B 229 -9.95 -1.00 -19.62
N VAL B 230 -11.21 -0.60 -19.60
CA VAL B 230 -11.67 0.59 -18.91
C VAL B 230 -11.71 0.35 -17.40
N THR B 231 -11.80 1.44 -16.63
CA THR B 231 -12.02 1.34 -15.18
C THR B 231 -13.29 0.52 -14.98
N GLN B 232 -13.21 -0.45 -14.04
CA GLN B 232 -14.32 -1.38 -13.86
C GLN B 232 -14.21 -2.10 -12.53
N ILE B 233 -15.29 -2.78 -12.15
CA ILE B 233 -15.27 -3.66 -10.99
C ILE B 233 -15.33 -5.06 -11.52
N VAL B 234 -14.45 -5.93 -10.97
CA VAL B 234 -14.48 -7.36 -11.25
C VAL B 234 -14.70 -8.03 -9.90
N SER B 235 -15.68 -8.91 -9.81
CA SER B 235 -15.99 -9.54 -8.52
C SER B 235 -16.17 -11.04 -8.61
N ALA B 236 -16.09 -11.71 -7.45
CA ALA B 236 -16.39 -13.13 -7.33
C ALA B 236 -17.07 -13.34 -5.99
N GLU B 237 -17.84 -14.41 -5.84
CA GLU B 237 -18.63 -14.57 -4.64
C GLU B 237 -18.80 -16.01 -4.24
N ALA B 238 -19.32 -16.18 -3.02
CA ALA B 238 -19.65 -17.47 -2.47
C ALA B 238 -20.74 -17.30 -1.47
N TRP B 239 -21.51 -18.34 -1.29
CA TRP B 239 -22.54 -18.42 -0.28
CA TRP B 239 -22.55 -18.38 -0.27
C TRP B 239 -22.10 -19.41 0.78
N GLY B 240 -22.47 -19.18 2.04
CA GLY B 240 -22.15 -20.10 3.13
C GLY B 240 -22.70 -21.49 2.87
N ARG B 241 -22.15 -22.50 3.55
CA ARG B 241 -22.51 -23.89 3.33
C ARG B 241 -22.59 -24.64 4.67
N ALA B 242 -23.72 -25.34 4.94
CA ALA B 242 -23.88 -26.11 6.18
C ALA B 242 -22.92 -27.28 6.25
#